data_1H3W
#
_entry.id   1H3W
#
_cell.length_a   49.550
_cell.length_b   149.250
_cell.length_c   75.750
_cell.angle_alpha   90.00
_cell.angle_beta   90.00
_cell.angle_gamma   90.00
#
_symmetry.space_group_name_H-M   'C 2 2 21'
#
loop_
_entity.id
_entity.type
_entity.pdbx_description
1 polymer 'IG GAMMA-1 CHAIN C REGION'
2 branched 2-acetamido-2-deoxy-beta-D-glucopyranose-(1-2)-beta-D-mannopyranose-(1-6)-beta-D-mannopyranose-(1-4)-2-acetamido-2-deoxy-beta-D-glucopyranose-(1-4)-[alpha-L-fucopyranose-(1-6)]2-acetamido-2-deoxy-beta-D-glucopyranose
3 water water
#
_entity_poly.entity_id   1
_entity_poly.type   'polypeptide(L)'
_entity_poly.pdbx_seq_one_letter_code
;TCPPCPAPELLGGPSVFLFPPKPKDTLMISRTPEVTCVVVDVSHEDPQVKFNWYVDGVQVHNAKTKPREQQYNSTYRVVS
VLTVLHQNWLDGKEYKCKVSNKALPAPIEKTISKAKGQPREPQVYTLPPSREEMTKNQVSLTCLVKGFYPSDIAVEWESN
GQPENNYKTTPPVLDSDGSFFLYSKLTVDKSRWQQGNVFSCSVMHEALHNHYTQKSLSLSPGK
;
_entity_poly.pdbx_strand_id   M
#
loop_
_chem_comp.id
_chem_comp.type
_chem_comp.name
_chem_comp.formula
BMA D-saccharide, beta linking beta-D-mannopyranose 'C6 H12 O6'
FUC L-saccharide, alpha linking alpha-L-fucopyranose 'C6 H12 O5'
NAG D-saccharide, beta linking 2-acetamido-2-deoxy-beta-D-glucopyranose 'C8 H15 N O6'
#
# COMPACT_ATOMS: atom_id res chain seq x y z
N PRO A 14 -0.40 -13.06 -24.79
CA PRO A 14 0.27 -11.92 -24.10
C PRO A 14 -0.68 -11.22 -23.13
N SER A 15 -0.19 -10.99 -21.91
CA SER A 15 -1.00 -10.34 -20.89
C SER A 15 -0.22 -9.20 -20.25
N VAL A 16 -0.91 -8.12 -19.90
CA VAL A 16 -0.27 -6.96 -19.26
C VAL A 16 -0.88 -6.59 -17.91
N PHE A 17 -0.11 -6.78 -16.85
CA PHE A 17 -0.57 -6.49 -15.50
C PHE A 17 0.03 -5.18 -14.97
N LEU A 18 -0.83 -4.23 -14.62
CA LEU A 18 -0.40 -2.92 -14.13
C LEU A 18 -0.54 -2.84 -12.60
N PHE A 19 0.55 -2.47 -11.92
CA PHE A 19 0.54 -2.41 -10.45
C PHE A 19 0.70 -1.03 -9.83
N PRO A 20 -0.06 -0.74 -8.77
CA PRO A 20 -0.02 0.54 -8.07
C PRO A 20 1.13 0.60 -7.06
N PRO A 21 1.52 1.81 -6.63
CA PRO A 21 2.61 2.05 -5.68
C PRO A 21 2.28 1.45 -4.34
N LYS A 22 3.23 1.48 -3.42
CA LYS A 22 3.01 0.92 -2.10
C LYS A 22 2.39 2.00 -1.24
N PRO A 23 1.20 1.73 -0.67
CA PRO A 23 0.47 2.65 0.19
C PRO A 23 1.34 3.60 1.00
N LYS A 24 2.27 3.02 1.74
CA LYS A 24 3.19 3.73 2.61
C LYS A 24 4.16 4.64 1.85
N ASP A 25 4.30 4.42 0.55
CA ASP A 25 5.20 5.24 -0.25
C ASP A 25 4.51 6.52 -0.68
N THR A 26 3.24 6.37 -0.99
CA THR A 26 2.44 7.48 -1.47
C THR A 26 2.07 8.43 -0.33
N LEU A 27 2.17 7.96 0.89
CA LEU A 27 1.83 8.75 2.07
C LEU A 27 2.94 9.56 2.75
N MET A 28 4.19 9.30 2.38
CA MET A 28 5.35 10.01 2.95
C MET A 28 6.17 10.66 1.84
N ILE A 29 6.24 11.99 1.81
CA ILE A 29 7.01 12.66 0.77
C ILE A 29 8.44 12.12 0.78
N SER A 30 8.89 11.69 1.95
CA SER A 30 10.23 11.13 2.08
C SER A 30 10.47 9.93 1.16
N ARG A 31 9.42 9.20 0.81
CA ARG A 31 9.58 8.04 -0.06
C ARG A 31 9.42 8.24 -1.56
N THR A 32 9.44 7.13 -2.29
CA THR A 32 9.34 7.11 -3.74
C THR A 32 8.24 6.15 -4.22
N PRO A 33 7.19 6.69 -4.81
CA PRO A 33 6.16 5.74 -5.25
C PRO A 33 6.18 5.49 -6.75
N GLU A 34 6.03 4.22 -7.13
CA GLU A 34 6.00 3.86 -8.56
C GLU A 34 4.88 2.93 -9.01
N VAL A 35 4.57 3.03 -10.29
CA VAL A 35 3.54 2.21 -10.91
C VAL A 35 4.24 1.19 -11.81
N THR A 36 4.01 -0.08 -11.55
CA THR A 36 4.67 -1.14 -12.32
C THR A 36 3.85 -1.85 -13.39
N CYS A 37 4.28 -1.75 -14.63
CA CYS A 37 3.58 -2.43 -15.71
C CYS A 37 4.35 -3.70 -16.06
N VAL A 38 3.67 -4.83 -16.06
CA VAL A 38 4.32 -6.10 -16.36
C VAL A 38 3.68 -6.75 -17.58
N VAL A 39 4.50 -7.46 -18.37
CA VAL A 39 4.02 -8.16 -19.55
C VAL A 39 4.48 -9.61 -19.53
N VAL A 40 3.55 -10.51 -19.82
CA VAL A 40 3.88 -11.92 -19.82
C VAL A 40 3.45 -12.60 -21.13
N ASP A 41 4.15 -13.68 -21.49
CA ASP A 41 3.87 -14.38 -22.72
C ASP A 41 4.16 -13.47 -23.90
N VAL A 42 5.42 -13.11 -24.05
CA VAL A 42 5.87 -12.23 -25.13
C VAL A 42 6.64 -13.09 -26.14
N SER A 43 6.04 -13.29 -27.32
CA SER A 43 6.64 -14.12 -28.36
C SER A 43 8.16 -14.25 -28.27
N HIS A 44 8.61 -15.47 -28.03
CA HIS A 44 10.02 -15.79 -27.92
C HIS A 44 10.64 -15.45 -29.28
N GLU A 45 9.77 -15.33 -30.29
CA GLU A 45 10.21 -15.01 -31.66
C GLU A 45 10.41 -13.50 -31.89
N ASP A 46 9.34 -12.73 -31.71
CA ASP A 46 9.40 -11.28 -31.88
C ASP A 46 9.32 -10.70 -30.46
N PRO A 47 10.45 -10.67 -29.74
CA PRO A 47 10.56 -10.16 -28.38
C PRO A 47 10.59 -8.63 -28.24
N GLN A 48 10.76 -7.92 -29.35
CA GLN A 48 10.78 -6.46 -29.33
C GLN A 48 9.46 -5.99 -28.72
N VAL A 49 9.54 -5.04 -27.78
CA VAL A 49 8.36 -4.51 -27.10
C VAL A 49 8.43 -3.01 -26.82
N LYS A 50 7.37 -2.29 -27.17
CA LYS A 50 7.30 -0.85 -26.97
C LYS A 50 6.29 -0.48 -25.88
N PHE A 51 6.71 0.38 -24.95
CA PHE A 51 5.87 0.82 -23.83
C PHE A 51 5.51 2.30 -23.92
N ASN A 52 4.25 2.60 -23.59
CA ASN A 52 3.78 3.98 -23.59
C ASN A 52 3.12 4.27 -22.25
N TRP A 53 3.46 5.40 -21.66
CA TRP A 53 2.91 5.81 -20.38
C TRP A 53 2.24 7.16 -20.52
N TYR A 54 0.99 7.26 -20.09
CA TYR A 54 0.26 8.54 -20.18
C TYR A 54 -0.34 8.89 -18.81
N VAL A 55 -0.05 10.09 -18.33
CA VAL A 55 -0.61 10.57 -17.06
C VAL A 55 -1.84 11.45 -17.31
N ASP A 56 -3.00 10.91 -16.97
CA ASP A 56 -4.27 11.60 -17.17
C ASP A 56 -4.66 11.62 -18.64
N GLY A 57 -3.69 11.47 -19.52
CA GLY A 57 -3.97 11.45 -20.93
C GLY A 57 -2.77 11.88 -21.72
N VAL A 58 -1.90 12.64 -21.06
CA VAL A 58 -0.70 13.13 -21.70
C VAL A 58 0.46 12.17 -21.46
N GLN A 59 1.05 11.69 -22.55
CA GLN A 59 2.16 10.77 -22.48
C GLN A 59 3.35 11.35 -21.74
N VAL A 60 4.05 10.49 -21.02
CA VAL A 60 5.23 10.91 -20.29
C VAL A 60 6.26 9.87 -20.66
N HIS A 61 5.95 9.08 -21.71
CA HIS A 61 6.83 8.01 -22.18
C HIS A 61 8.13 8.01 -21.39
N ASN A 62 8.84 9.15 -21.44
CA ASN A 62 10.10 9.34 -20.74
C ASN A 62 9.91 9.42 -19.24
N ALA A 63 9.37 10.54 -18.76
CA ALA A 63 9.12 10.76 -17.32
C ALA A 63 9.96 9.86 -16.44
N LYS A 64 11.21 9.65 -16.84
CA LYS A 64 12.12 8.80 -16.10
C LYS A 64 11.48 7.41 -15.98
N THR A 65 11.00 6.89 -17.10
CA THR A 65 10.37 5.58 -17.13
C THR A 65 11.45 4.55 -17.44
N LYS A 66 11.47 3.40 -16.77
CA LYS A 66 12.51 2.41 -17.02
C LYS A 66 12.17 0.91 -16.92
N PRO A 67 12.57 0.11 -17.95
CA PRO A 67 12.40 -1.35 -18.14
C PRO A 67 13.70 -2.17 -18.43
N ARG A 68 13.55 -3.46 -18.75
CA ARG A 68 14.68 -4.38 -19.08
C ARG A 68 14.23 -5.84 -19.35
N GLU A 69 14.58 -6.39 -20.50
CA GLU A 69 14.15 -7.75 -20.92
C GLU A 69 14.43 -8.87 -19.92
N GLN A 70 13.73 -9.99 -20.07
CA GLN A 70 13.86 -11.17 -19.20
C GLN A 70 13.32 -12.45 -19.87
N GLN A 71 14.20 -13.40 -20.19
CA GLN A 71 13.78 -14.66 -20.82
C GLN A 71 13.32 -15.65 -19.76
N TYR A 72 12.11 -16.17 -19.93
CA TYR A 72 11.52 -17.11 -18.99
C TYR A 72 11.08 -18.43 -19.63
N ASN A 73 9.87 -18.80 -19.22
CA ASN A 73 9.06 -19.95 -19.65
C ASN A 73 9.55 -20.71 -20.89
N SER A 74 9.63 -19.95 -21.97
CA SER A 74 10.01 -20.36 -23.32
C SER A 74 9.42 -19.14 -23.98
N THR A 75 9.19 -18.15 -23.13
CA THR A 75 8.58 -16.87 -23.47
C THR A 75 9.41 -15.77 -22.80
N TYR A 76 8.93 -14.53 -22.90
CA TYR A 76 9.64 -13.41 -22.30
C TYR A 76 8.78 -12.58 -21.35
N ARG A 77 9.44 -11.90 -20.42
CA ARG A 77 8.77 -11.07 -19.43
C ARG A 77 9.44 -9.69 -19.38
N VAL A 78 8.64 -8.63 -19.41
CA VAL A 78 9.21 -7.28 -19.38
C VAL A 78 8.59 -6.35 -18.35
N VAL A 79 9.45 -5.74 -17.53
CA VAL A 79 8.98 -4.85 -16.51
C VAL A 79 9.33 -3.40 -16.83
N SER A 80 8.37 -2.51 -16.62
CA SER A 80 8.56 -1.08 -16.83
C SER A 80 8.10 -0.38 -15.56
N VAL A 81 8.84 0.63 -15.12
CA VAL A 81 8.45 1.31 -13.89
C VAL A 81 8.41 2.83 -14.01
N LEU A 82 7.23 3.39 -13.78
CA LEU A 82 7.06 4.83 -13.85
C LEU A 82 7.03 5.44 -12.47
N THR A 83 7.91 6.38 -12.21
CA THR A 83 7.91 7.02 -10.91
C THR A 83 6.77 8.05 -10.86
N VAL A 84 6.02 8.01 -9.77
CA VAL A 84 4.89 8.89 -9.63
C VAL A 84 5.13 10.01 -8.64
N LEU A 85 4.29 11.04 -8.71
CA LEU A 85 4.37 12.19 -7.82
C LEU A 85 3.32 11.97 -6.75
N HIS A 86 3.73 12.07 -5.48
CA HIS A 86 2.82 11.84 -4.37
C HIS A 86 1.50 12.57 -4.49
N GLN A 87 1.54 13.88 -4.73
CA GLN A 87 0.32 14.66 -4.85
C GLN A 87 -0.44 14.22 -6.10
N ASN A 88 0.32 13.81 -7.11
CA ASN A 88 -0.29 13.37 -8.37
C ASN A 88 -1.12 12.13 -8.14
N TRP A 89 -0.59 11.24 -7.33
CA TRP A 89 -1.27 10.00 -7.05
C TRP A 89 -2.50 10.23 -6.17
N LEU A 90 -2.30 10.93 -5.05
CA LEU A 90 -3.38 11.23 -4.12
C LEU A 90 -4.48 12.08 -4.77
N ASP A 91 -4.09 13.08 -5.56
CA ASP A 91 -5.09 13.91 -6.23
C ASP A 91 -5.79 13.14 -7.33
N GLY A 92 -5.63 11.82 -7.31
CA GLY A 92 -6.27 10.93 -8.27
C GLY A 92 -5.98 11.01 -9.75
N LYS A 93 -4.72 11.22 -10.13
CA LYS A 93 -4.37 11.26 -11.54
C LYS A 93 -4.55 9.84 -12.08
N GLU A 94 -4.70 9.71 -13.39
CA GLU A 94 -4.88 8.41 -14.00
C GLU A 94 -3.63 8.04 -14.77
N TYR A 95 -3.17 6.79 -14.62
CA TYR A 95 -1.97 6.35 -15.31
C TYR A 95 -2.29 5.23 -16.29
N LYS A 96 -1.77 5.35 -17.50
CA LYS A 96 -2.03 4.34 -18.54
C LYS A 96 -0.73 3.73 -19.10
N CYS A 97 -0.77 2.41 -19.31
CA CYS A 97 0.37 1.67 -19.85
C CYS A 97 -0.05 1.05 -21.19
N LYS A 98 0.61 1.48 -22.28
CA LYS A 98 0.31 0.98 -23.61
C LYS A 98 1.47 0.17 -24.15
N VAL A 99 1.34 -1.15 -24.08
CA VAL A 99 2.36 -2.06 -24.58
C VAL A 99 2.04 -2.46 -26.01
N SER A 100 3.02 -2.30 -26.91
CA SER A 100 2.84 -2.65 -28.31
C SER A 100 3.90 -3.68 -28.74
N ASN A 101 3.49 -4.65 -29.55
CA ASN A 101 4.41 -5.67 -30.04
C ASN A 101 4.03 -6.05 -31.47
N LYS A 102 5.05 -6.32 -32.29
CA LYS A 102 4.83 -6.69 -33.68
C LYS A 102 4.12 -8.03 -33.85
N ALA A 103 4.20 -8.89 -32.85
CA ALA A 103 3.55 -10.20 -32.91
C ALA A 103 2.17 -10.10 -32.28
N LEU A 104 1.64 -8.89 -32.24
CA LEU A 104 0.34 -8.64 -31.64
C LEU A 104 -0.52 -7.80 -32.59
N PRO A 105 -1.83 -8.12 -32.69
CA PRO A 105 -2.73 -7.38 -33.58
C PRO A 105 -2.58 -5.89 -33.29
N ALA A 106 -3.29 -5.44 -32.27
CA ALA A 106 -3.23 -4.05 -31.84
C ALA A 106 -2.54 -4.09 -30.47
N PRO A 107 -2.07 -2.94 -29.98
CA PRO A 107 -1.43 -2.97 -28.65
C PRO A 107 -2.45 -3.12 -27.53
N ILE A 108 -1.95 -3.37 -26.33
CA ILE A 108 -2.79 -3.53 -25.16
C ILE A 108 -2.62 -2.35 -24.21
N GLU A 109 -3.75 -1.87 -23.67
CA GLU A 109 -3.74 -0.76 -22.73
C GLU A 109 -4.39 -1.12 -21.39
N LYS A 110 -3.73 -0.77 -20.31
CA LYS A 110 -4.24 -1.01 -18.97
C LYS A 110 -4.08 0.33 -18.24
N THR A 111 -5.12 0.78 -17.53
CA THR A 111 -5.00 2.03 -16.78
C THR A 111 -5.21 1.77 -15.30
N ILE A 112 -4.76 2.70 -14.47
CA ILE A 112 -4.92 2.54 -13.03
C ILE A 112 -4.84 3.90 -12.33
N SER A 113 -5.52 4.02 -11.19
CA SER A 113 -5.57 5.27 -10.40
C SER A 113 -5.97 4.94 -8.97
N LYS A 114 -5.46 5.67 -7.99
CA LYS A 114 -5.82 5.39 -6.59
C LYS A 114 -7.33 5.19 -6.45
N ALA A 115 -7.75 4.34 -5.50
CA ALA A 115 -9.18 4.06 -5.28
C ALA A 115 -10.03 5.32 -5.16
N LYS A 116 -10.88 5.53 -6.16
CA LYS A 116 -11.74 6.71 -6.21
C LYS A 116 -12.74 6.80 -5.03
N GLY A 117 -13.16 8.01 -4.65
CA GLY A 117 -14.14 8.12 -3.57
C GLY A 117 -13.92 9.14 -2.47
N GLN A 118 -15.02 9.68 -1.96
CA GLN A 118 -14.97 10.66 -0.86
C GLN A 118 -14.17 10.10 0.31
N PRO A 119 -13.01 10.70 0.63
CA PRO A 119 -12.12 10.31 1.72
C PRO A 119 -12.70 10.45 3.12
N ARG A 120 -12.32 9.54 4.01
CA ARG A 120 -12.79 9.57 5.39
C ARG A 120 -11.63 9.41 6.35
N GLU A 121 -11.53 10.34 7.29
CA GLU A 121 -10.48 10.35 8.30
C GLU A 121 -10.76 9.19 9.25
N PRO A 122 -9.77 8.32 9.44
CA PRO A 122 -9.97 7.18 10.33
C PRO A 122 -9.91 7.58 11.81
N GLN A 123 -10.66 6.86 12.64
CA GLN A 123 -10.67 7.11 14.09
C GLN A 123 -9.82 6.00 14.72
N VAL A 124 -8.80 6.38 15.48
CA VAL A 124 -7.89 5.40 16.09
C VAL A 124 -8.08 5.20 17.58
N TYR A 125 -8.42 3.98 17.96
CA TYR A 125 -8.64 3.67 19.36
C TYR A 125 -7.69 2.59 19.85
N THR A 126 -7.05 2.84 20.98
CA THR A 126 -6.15 1.85 21.56
C THR A 126 -6.91 1.21 22.73
N LEU A 127 -6.82 -0.10 22.84
CA LEU A 127 -7.50 -0.83 23.89
C LEU A 127 -6.53 -1.74 24.63
N PRO A 128 -6.50 -1.67 25.97
CA PRO A 128 -5.60 -2.51 26.76
C PRO A 128 -6.05 -3.97 26.69
N PRO A 129 -5.23 -4.90 27.20
CA PRO A 129 -5.63 -6.31 27.15
C PRO A 129 -6.83 -6.56 28.05
N SER A 130 -7.54 -7.66 27.79
CA SER A 130 -8.71 -8.03 28.60
C SER A 130 -8.34 -8.37 30.03
N ARG A 131 -9.27 -8.11 30.95
CA ARG A 131 -9.03 -8.40 32.35
C ARG A 131 -8.79 -9.90 32.50
N GLU A 132 -9.29 -10.68 31.53
CA GLU A 132 -9.14 -12.13 31.55
C GLU A 132 -7.85 -12.66 30.96
N GLU A 133 -7.31 -11.97 29.96
CA GLU A 133 -6.07 -12.45 29.33
C GLU A 133 -4.86 -12.27 30.23
N MET A 134 -5.04 -11.69 31.40
CA MET A 134 -3.93 -11.46 32.31
C MET A 134 -3.37 -12.77 32.84
N THR A 135 -4.22 -13.79 32.85
CA THR A 135 -3.80 -15.11 33.28
C THR A 135 -2.53 -15.49 32.53
N LYS A 136 -2.60 -15.38 31.20
CA LYS A 136 -1.48 -15.71 30.32
C LYS A 136 -0.19 -14.93 30.56
N ASN A 137 0.91 -15.44 30.00
CA ASN A 137 2.21 -14.79 30.15
C ASN A 137 2.36 -13.57 29.24
N GLN A 138 1.73 -13.62 28.08
CA GLN A 138 1.79 -12.50 27.16
C GLN A 138 0.41 -11.87 27.10
N VAL A 139 0.32 -10.65 26.61
CA VAL A 139 -0.98 -9.99 26.51
C VAL A 139 -1.10 -9.32 25.15
N SER A 140 -2.33 -8.94 24.79
CA SER A 140 -2.61 -8.31 23.51
C SER A 140 -2.96 -6.84 23.65
N LEU A 141 -2.35 -6.00 22.84
CA LEU A 141 -2.66 -4.59 22.87
C LEU A 141 -3.36 -4.47 21.52
N THR A 142 -4.60 -3.96 21.55
CA THR A 142 -5.42 -3.86 20.34
C THR A 142 -5.68 -2.46 19.89
N CYS A 143 -5.43 -2.21 18.61
CA CYS A 143 -5.66 -0.88 18.03
C CYS A 143 -6.84 -0.94 17.06
N LEU A 144 -7.92 -0.27 17.45
CA LEU A 144 -9.10 -0.24 16.62
C LEU A 144 -9.04 0.98 15.73
N VAL A 145 -8.95 0.75 14.43
CA VAL A 145 -8.89 1.84 13.47
C VAL A 145 -10.11 1.69 12.58
N LYS A 146 -10.98 2.70 12.57
CA LYS A 146 -12.18 2.60 11.77
C LYS A 146 -12.79 3.91 11.27
N GLY A 147 -13.59 3.79 10.21
CA GLY A 147 -14.24 4.94 9.62
C GLY A 147 -13.44 5.56 8.48
N PHE A 148 -12.48 4.81 7.96
CA PHE A 148 -11.65 5.33 6.89
C PHE A 148 -12.01 4.86 5.48
N TYR A 149 -11.60 5.69 4.52
CA TYR A 149 -11.76 5.45 3.09
C TYR A 149 -10.76 6.37 2.40
N PRO A 150 -10.02 5.86 1.39
CA PRO A 150 -10.07 4.49 0.88
C PRO A 150 -9.38 3.52 1.82
N SER A 151 -9.23 2.28 1.35
CA SER A 151 -8.59 1.23 2.11
C SER A 151 -7.10 1.41 2.32
N ASP A 152 -6.42 1.90 1.28
CA ASP A 152 -4.99 2.13 1.33
C ASP A 152 -4.67 2.69 2.70
N ILE A 153 -4.09 1.87 3.57
CA ILE A 153 -3.76 2.29 4.93
C ILE A 153 -2.52 1.57 5.48
N ALA A 154 -2.00 2.01 6.62
CA ALA A 154 -0.82 1.38 7.22
C ALA A 154 -0.76 1.65 8.73
N VAL A 155 -0.47 0.61 9.50
CA VAL A 155 -0.43 0.66 10.96
C VAL A 155 0.80 -0.04 11.52
N GLU A 156 1.55 0.63 12.39
CA GLU A 156 2.76 0.01 12.98
C GLU A 156 2.84 0.32 14.48
N TRP A 157 3.43 -0.57 15.27
CA TRP A 157 3.55 -0.34 16.71
C TRP A 157 4.97 0.11 17.10
N GLU A 158 5.12 0.63 18.31
CA GLU A 158 6.40 1.12 18.83
C GLU A 158 6.42 1.30 20.35
N SER A 159 7.59 1.19 20.97
CA SER A 159 7.72 1.37 22.42
C SER A 159 8.68 2.50 22.76
N ASN A 160 9.42 2.99 21.77
CA ASN A 160 10.36 4.08 21.99
C ASN A 160 11.04 4.47 20.66
N GLY A 161 12.36 4.34 20.63
CA GLY A 161 13.10 4.67 19.41
C GLY A 161 13.30 3.44 18.55
N GLN A 162 12.47 2.43 18.81
CA GLN A 162 12.50 1.16 18.08
C GLN A 162 11.06 0.66 17.92
N PRO A 163 10.76 0.02 16.78
CA PRO A 163 9.41 -0.49 16.54
C PRO A 163 9.18 -1.89 17.10
N GLU A 164 8.09 -2.05 17.84
CA GLU A 164 7.74 -3.35 18.41
C GLU A 164 7.73 -4.35 17.27
N ASN A 165 8.24 -5.54 17.54
CA ASN A 165 8.35 -6.57 16.53
C ASN A 165 7.14 -7.51 16.40
N ASN A 166 6.58 -7.93 17.53
CA ASN A 166 5.45 -8.86 17.53
C ASN A 166 4.04 -8.26 17.41
N TYR A 167 3.51 -8.21 16.19
CA TYR A 167 2.19 -7.66 15.95
C TYR A 167 1.70 -7.90 14.53
N LYS A 168 0.45 -8.32 14.40
CA LYS A 168 -0.14 -8.55 13.10
C LYS A 168 -1.33 -7.60 12.93
N THR A 169 -1.61 -7.24 11.69
CA THR A 169 -2.74 -6.35 11.45
C THR A 169 -3.63 -7.05 10.45
N THR A 170 -4.93 -7.03 10.70
CA THR A 170 -5.86 -7.68 9.80
C THR A 170 -6.07 -6.81 8.56
N PRO A 171 -6.56 -7.41 7.48
CA PRO A 171 -6.80 -6.58 6.29
C PRO A 171 -8.03 -5.68 6.52
N PRO A 172 -8.27 -4.72 5.62
CA PRO A 172 -9.42 -3.83 5.79
C PRO A 172 -10.70 -4.59 5.55
N VAL A 173 -11.70 -4.33 6.37
CA VAL A 173 -13.01 -4.99 6.24
C VAL A 173 -14.04 -3.91 5.92
N LEU A 174 -14.84 -4.12 4.88
CA LEU A 174 -15.86 -3.13 4.55
C LEU A 174 -16.98 -3.18 5.56
N ASP A 175 -17.24 -2.04 6.20
CA ASP A 175 -18.29 -1.95 7.20
C ASP A 175 -19.67 -1.79 6.57
N SER A 176 -20.63 -1.41 7.39
CA SER A 176 -22.01 -1.23 6.95
C SER A 176 -22.24 0.14 6.36
N ASP A 177 -21.35 1.09 6.66
CA ASP A 177 -21.47 2.45 6.15
C ASP A 177 -20.45 2.73 5.04
N GLY A 178 -20.19 1.73 4.21
CA GLY A 178 -19.27 1.90 3.11
C GLY A 178 -17.87 2.31 3.53
N SER A 179 -17.63 2.34 4.83
CA SER A 179 -16.33 2.70 5.37
C SER A 179 -15.61 1.44 5.82
N PHE A 180 -14.29 1.49 5.90
CA PHE A 180 -13.52 0.34 6.35
C PHE A 180 -13.06 0.50 7.78
N PHE A 181 -12.71 -0.61 8.40
CA PHE A 181 -12.16 -0.61 9.76
C PHE A 181 -11.15 -1.74 9.72
N LEU A 182 -10.37 -1.88 10.79
CA LEU A 182 -9.39 -2.95 10.89
C LEU A 182 -8.78 -2.91 12.26
N TYR A 183 -8.27 -4.06 12.70
CA TYR A 183 -7.63 -4.12 14.01
C TYR A 183 -6.17 -4.53 13.87
N SER A 184 -5.36 -4.06 14.79
CA SER A 184 -3.96 -4.42 14.78
C SER A 184 -3.74 -4.94 16.19
N LYS A 185 -3.04 -6.07 16.29
CA LYS A 185 -2.82 -6.65 17.60
C LYS A 185 -1.35 -6.84 17.93
N LEU A 186 -0.88 -6.10 18.92
CA LEU A 186 0.51 -6.17 19.36
C LEU A 186 0.73 -7.06 20.56
N THR A 187 1.38 -8.21 20.35
CA THR A 187 1.66 -9.13 21.44
C THR A 187 2.83 -8.62 22.31
N VAL A 188 2.65 -8.55 23.62
CA VAL A 188 3.72 -8.10 24.51
C VAL A 188 3.72 -8.83 25.85
N ASP A 189 4.92 -9.16 26.33
CA ASP A 189 5.08 -9.86 27.60
C ASP A 189 4.39 -9.12 28.72
N LYS A 190 3.39 -9.77 29.31
CA LYS A 190 2.61 -9.20 30.40
C LYS A 190 3.50 -8.37 31.32
N SER A 191 4.80 -8.71 31.35
CA SER A 191 5.75 -7.98 32.18
C SER A 191 5.90 -6.53 31.71
N ARG A 192 6.43 -6.36 30.50
CA ARG A 192 6.63 -5.05 29.92
C ARG A 192 5.38 -4.19 30.10
N TRP A 193 4.20 -4.82 30.02
CA TRP A 193 2.95 -4.09 30.19
C TRP A 193 2.67 -3.62 31.62
N GLN A 194 2.85 -4.51 32.60
CA GLN A 194 2.59 -4.13 33.97
C GLN A 194 3.70 -3.23 34.49
N GLN A 195 4.91 -3.43 33.98
CA GLN A 195 6.03 -2.60 34.41
C GLN A 195 5.61 -1.15 34.26
N GLY A 196 5.09 -0.79 33.10
CA GLY A 196 4.63 0.56 32.88
C GLY A 196 4.93 1.14 31.51
N ASN A 197 5.60 0.38 30.66
CA ASN A 197 5.93 0.88 29.33
C ASN A 197 4.73 1.37 28.54
N VAL A 198 5.01 2.25 27.59
CA VAL A 198 3.99 2.82 26.73
C VAL A 198 4.25 2.41 25.29
N PHE A 199 3.19 1.99 24.63
CA PHE A 199 3.28 1.57 23.25
C PHE A 199 2.45 2.53 22.44
N SER A 200 2.76 2.60 21.16
CA SER A 200 2.06 3.51 20.28
C SER A 200 1.57 2.86 19.01
N CYS A 201 0.31 3.15 18.67
CA CYS A 201 -0.29 2.64 17.44
C CYS A 201 -0.13 3.77 16.41
N SER A 202 0.61 3.53 15.34
CA SER A 202 0.81 4.54 14.31
C SER A 202 -0.05 4.26 13.09
N VAL A 203 -0.64 5.31 12.53
CA VAL A 203 -1.47 5.13 11.35
C VAL A 203 -1.14 6.16 10.25
N MET A 204 -0.93 5.68 9.05
CA MET A 204 -0.62 6.55 7.93
C MET A 204 -1.74 6.37 6.92
N HIS A 205 -2.61 7.37 6.83
CA HIS A 205 -3.72 7.28 5.94
C HIS A 205 -3.94 8.59 5.23
N GLU A 206 -4.53 8.47 4.06
CA GLU A 206 -4.87 9.59 3.23
C GLU A 206 -5.49 10.71 4.08
N ALA A 207 -6.70 10.45 4.55
CA ALA A 207 -7.48 11.39 5.35
C ALA A 207 -6.94 11.80 6.71
N LEU A 208 -5.63 11.71 6.94
CA LEU A 208 -5.11 12.14 8.23
C LEU A 208 -4.43 13.46 8.00
N HIS A 209 -4.30 14.25 9.05
CA HIS A 209 -3.70 15.56 8.93
C HIS A 209 -2.40 15.56 8.10
N ASN A 210 -1.43 14.77 8.53
CA ASN A 210 -0.19 14.69 7.77
C ASN A 210 -0.14 13.27 7.26
N HIS A 211 -1.31 12.75 6.89
CA HIS A 211 -1.40 11.41 6.41
C HIS A 211 -0.88 10.54 7.52
N TYR A 212 -0.84 11.11 8.72
CA TYR A 212 -0.33 10.40 9.86
C TYR A 212 -1.03 10.74 11.16
N THR A 213 -0.91 9.84 12.12
CA THR A 213 -1.47 10.03 13.44
C THR A 213 -0.96 8.93 14.36
N GLN A 214 -0.99 9.23 15.65
CA GLN A 214 -0.48 8.31 16.64
C GLN A 214 -1.39 8.28 17.87
N LYS A 215 -1.58 7.07 18.39
CA LYS A 215 -2.39 6.84 19.58
C LYS A 215 -1.53 6.05 20.58
N SER A 216 -1.58 6.43 21.86
CA SER A 216 -0.78 5.75 22.87
C SER A 216 -1.52 4.71 23.70
N LEU A 217 -0.75 3.84 24.35
CA LEU A 217 -1.28 2.79 25.21
C LEU A 217 -0.27 2.54 26.34
N SER A 218 -0.78 2.48 27.56
CA SER A 218 0.07 2.25 28.72
C SER A 218 -0.75 1.88 29.94
N LEU A 219 -0.21 0.96 30.74
CA LEU A 219 -0.86 0.48 31.96
C LEU A 219 -1.87 1.46 32.54
C1 NAG B . 5.04 -19.13 -18.97
C2 NAG B . 3.52 -19.21 -18.69
C3 NAG B . 3.05 -18.11 -17.71
C4 NAG B . 3.91 -18.19 -16.47
C5 NAG B . 5.36 -17.91 -16.91
C6 NAG B . 6.34 -17.85 -15.74
C7 NAG B . 1.46 -19.19 -19.97
C8 NAG B . 0.88 -20.51 -20.46
N2 NAG B . 2.79 -19.08 -19.94
O3 NAG B . 1.69 -18.31 -17.37
O4 NAG B . 3.46 -17.29 -15.42
O5 NAG B . 5.81 -18.99 -17.76
O6 NAG B . 6.18 -19.03 -14.94
O7 NAG B . 0.71 -18.28 -19.62
C1 NAG B . 3.36 -15.93 -15.65
C2 NAG B . 3.92 -15.12 -14.44
C3 NAG B . 2.90 -15.01 -13.29
C4 NAG B . 1.53 -14.59 -13.82
C5 NAG B . 1.10 -15.64 -14.84
C6 NAG B . -0.31 -15.40 -15.35
C7 NAG B . 6.00 -15.14 -13.20
C8 NAG B . 5.82 -15.18 -11.69
N2 NAG B . 5.10 -15.79 -13.94
O3 NAG B . 3.34 -14.04 -12.34
O4 NAG B . 0.58 -14.53 -12.72
O5 NAG B . 1.99 -15.60 -15.97
O6 NAG B . -0.52 -16.11 -16.56
O7 NAG B . 6.97 -14.55 -13.67
C1 BMA B . -0.02 -13.29 -12.51
C2 BMA B . -1.51 -13.48 -12.17
C3 BMA B . -2.15 -12.12 -11.85
C4 BMA B . -1.34 -11.38 -10.78
C5 BMA B . 0.14 -11.30 -11.17
C6 BMA B . 0.99 -10.66 -10.09
O2 BMA B . -1.65 -14.35 -11.05
O3 BMA B . -3.51 -12.32 -11.40
O4 BMA B . -1.87 -10.08 -10.60
O5 BMA B . 0.65 -12.63 -11.42
O6 BMA B . 2.40 -10.75 -10.38
C1 BMA B . 2.81 -9.88 -11.40
C2 BMA B . 4.25 -9.38 -11.16
C3 BMA B . 5.24 -10.55 -11.12
C4 BMA B . 4.85 -11.61 -12.16
C5 BMA B . 3.96 -10.98 -13.26
C6 BMA B . 3.60 -11.96 -14.34
O2 BMA B . 4.37 -8.61 -9.96
O3 BMA B . 5.28 -11.13 -9.82
O4 BMA B . 6.02 -12.16 -12.75
O5 BMA B . 2.71 -10.48 -12.70
O6 BMA B . 4.77 -12.50 -14.95
C1 NAG B . 5.20 -7.51 -10.03
C2 NAG B . 5.18 -6.77 -8.69
C3 NAG B . 6.17 -5.59 -8.69
C4 NAG B . 7.57 -6.02 -9.21
C5 NAG B . 7.45 -6.85 -10.50
C6 NAG B . 8.77 -7.42 -11.00
C7 NAG B . 3.12 -6.76 -7.44
C8 NAG B . 2.71 -8.23 -7.49
N2 NAG B . 3.84 -6.28 -8.45
O3 NAG B . 6.29 -5.10 -7.37
O4 NAG B . 8.38 -4.84 -9.47
O5 NAG B . 6.54 -7.95 -10.32
O6 NAG B . 9.34 -8.32 -10.06
O7 NAG B . 2.77 -6.06 -6.48
C1 FUC B . 7.40 -19.54 -14.47
C2 FUC B . 7.86 -18.73 -13.26
C3 FUC B . 9.20 -19.27 -12.72
C4 FUC B . 9.17 -20.81 -12.60
C5 FUC B . 7.76 -21.34 -12.86
C6 FUC B . 7.70 -22.85 -12.80
O2 FUC B . 6.88 -18.77 -12.23
O3 FUC B . 10.26 -18.88 -13.57
O4 FUC B . 10.07 -21.37 -13.53
O5 FUC B . 7.33 -20.94 -14.19
#